data_5WM2
#
_entry.id   5WM2
#
_cell.length_a   121.872
_cell.length_b   121.872
_cell.length_c   87.688
_cell.angle_alpha   90.000
_cell.angle_beta   90.000
_cell.angle_gamma   120.000
#
_symmetry.space_group_name_H-M   'P 32 2 1'
#
loop_
_entity.id
_entity.type
_entity.pdbx_description
1 polymer 'Salicylate-AMP ligase'
2 non-polymer '2-HYDROXYBENZOIC ACID'
3 non-polymer 'ADENOSINE MONOPHOSPHATE'
4 non-polymer GLYCEROL
5 non-polymer 'ACETATE ION'
6 water water
#
_entity_poly.entity_id   1
_entity_poly.type   'polypeptide(L)'
_entity_poly.pdbx_seq_one_letter_code
;MGSSHHHHHHSSGLVPRGSHMLDGWVPWPESFARRYRAAGYWEGRPLDRLLRERAAADPDRIALVDAAGDRWTYAELDRH
ADRQAAGLRRLGIGAGDRVVVQLPNTDAFVVLFFALLRAGAVPVLTLPAHRESEIVHVAETAGATAYVIPDVLDGFDHRA
LARAARKAVPSIEHVLVAGEAAEFTALADVDAAPVPLAEPDPGDVALLLLSGGTTGKPKLIPRTHDDYTYNVRASAEVCG
FDSDTVYLVVLPTAHNFALACPGLLGTLMVGGTVVLAPTPSPEDAFELIEREKVTATAVVPPVALLWLDAVEWEDADLSS
LRLLQVGGSKLGAEPAARVRPALGCTLQQVFGMAEGLLNYTRLDDPSDLVIQTQGRPLSPDDEIRVVDEDGRDVAPGETG
ELLTRGPYTLRGYYRAPEHNARTFSDDGFYRTGDLVRVLPSGHLVVEGRAKDQINRGGDKISAEELENHIMAHPGVHDAA
VVGMPDATMGERTCACLVPRAGRSAPAQRELAAFLTDRGVAAYKLPDRVEVMDAFPRTSVGKTDKKELGRRIAGQLRTED
GGVH
;
_entity_poly.pdbx_strand_id   A
#
loop_
_chem_comp.id
_chem_comp.type
_chem_comp.name
_chem_comp.formula
ACT non-polymer 'ACETATE ION' 'C2 H3 O2 -1'
AMP non-polymer 'ADENOSINE MONOPHOSPHATE' 'C10 H14 N5 O7 P'
GOL non-polymer GLYCEROL 'C3 H8 O3'
SAL non-polymer '2-HYDROXYBENZOIC ACID' 'C7 H6 O3'
#
# COMPACT_ATOMS: atom_id res chain seq x y z
N SER A 19 -1.44 13.00 25.30
CA SER A 19 -0.86 13.99 24.39
C SER A 19 -0.12 13.31 23.24
N HIS A 20 -0.43 13.72 22.02
CA HIS A 20 0.15 13.13 20.82
C HIS A 20 0.75 14.21 19.93
N MET A 21 1.83 13.85 19.21
CA MET A 21 2.53 14.82 18.36
C MET A 21 1.67 15.28 17.18
N LEU A 22 0.72 14.46 16.74
CA LEU A 22 -0.13 14.77 15.61
C LEU A 22 -1.57 14.91 16.07
N ASP A 23 -2.24 15.94 15.56
CA ASP A 23 -3.69 15.99 15.61
C ASP A 23 -4.26 15.27 14.39
N GLY A 24 -5.59 15.18 14.35
CA GLY A 24 -6.28 14.66 13.20
C GLY A 24 -6.47 13.15 13.13
N TRP A 25 -6.01 12.39 14.11
CA TRP A 25 -6.23 10.95 14.10
C TRP A 25 -6.94 10.50 15.38
N VAL A 26 -7.29 9.22 15.41
CA VAL A 26 -8.19 8.65 16.40
C VAL A 26 -7.47 7.54 17.15
N PRO A 27 -7.00 7.81 18.38
CA PRO A 27 -6.30 6.77 19.13
C PRO A 27 -7.25 5.67 19.59
N TRP A 28 -6.66 4.53 19.95
CA TRP A 28 -7.41 3.42 20.51
C TRP A 28 -7.95 3.80 21.88
N PRO A 29 -9.10 3.25 22.28
CA PRO A 29 -9.55 3.41 23.66
C PRO A 29 -8.50 2.86 24.62
N GLU A 30 -8.38 3.51 25.77
CA GLU A 30 -7.35 3.10 26.73
C GLU A 30 -7.48 1.64 27.10
N SER A 31 -8.71 1.13 27.22
CA SER A 31 -8.89 -0.28 27.61
C SER A 31 -8.26 -1.22 26.59
N PHE A 32 -8.41 -0.92 25.29
CA PHE A 32 -7.78 -1.73 24.25
C PHE A 32 -6.26 -1.59 24.30
N ALA A 33 -5.77 -0.35 24.40
CA ALA A 33 -4.33 -0.11 24.45
C ALA A 33 -3.67 -0.88 25.58
N ARG A 34 -4.34 -0.97 26.75
CA ARG A 34 -3.79 -1.72 27.87
C ARG A 34 -3.71 -3.21 27.56
N ARG A 35 -4.76 -3.75 26.94
CA ARG A 35 -4.77 -5.16 26.56
C ARG A 35 -3.66 -5.46 25.56
N TYR A 36 -3.48 -4.61 24.56
CA TYR A 36 -2.47 -4.87 23.54
C TYR A 36 -1.06 -4.72 24.07
N ARG A 37 -0.85 -3.82 25.04
CA ARG A 37 0.44 -3.76 25.71
C ARG A 37 0.64 -4.98 26.59
N ALA A 38 -0.39 -5.38 27.33
CA ALA A 38 -0.29 -6.52 28.24
C ALA A 38 0.01 -7.82 27.48
N ALA A 39 -0.59 -7.98 26.30
CA ALA A 39 -0.42 -9.18 25.49
C ALA A 39 0.91 -9.22 24.74
N GLY A 40 1.72 -8.17 24.84
CA GLY A 40 3.00 -8.14 24.16
C GLY A 40 2.98 -7.68 22.72
N TYR A 41 1.82 -7.27 22.21
CA TYR A 41 1.72 -6.77 20.85
C TYR A 41 2.43 -5.43 20.70
N TRP A 42 2.13 -4.49 21.58
CA TRP A 42 2.67 -3.14 21.57
C TRP A 42 3.85 -3.11 22.54
N GLU A 43 5.05 -3.20 22.00
CA GLU A 43 6.22 -3.40 22.84
C GLU A 43 6.88 -2.10 23.27
N GLY A 44 6.37 -0.95 22.81
CA GLY A 44 6.88 0.32 23.25
C GLY A 44 8.19 0.74 22.65
N ARG A 45 8.46 0.36 21.40
CA ARG A 45 9.70 0.72 20.72
C ARG A 45 9.40 1.52 19.45
N PRO A 46 10.11 2.63 19.21
CA PRO A 46 9.95 3.35 17.94
C PRO A 46 10.27 2.46 16.75
N LEU A 47 9.62 2.75 15.63
CA LEU A 47 9.76 1.91 14.44
C LEU A 47 11.20 1.82 14.01
N ASP A 48 11.96 2.91 14.16
CA ASP A 48 13.34 2.91 13.70
C ASP A 48 14.24 2.00 14.55
N ARG A 49 13.80 1.60 15.74
CA ARG A 49 14.62 0.72 16.57
C ARG A 49 14.84 -0.65 15.95
N LEU A 50 13.96 -1.11 15.05
CA LEU A 50 14.18 -2.41 14.43
C LEU A 50 15.49 -2.43 13.65
N LEU A 51 15.86 -1.31 13.04
CA LEU A 51 17.15 -1.21 12.38
C LEU A 51 18.29 -1.00 13.39
N ARG A 52 18.08 -0.12 14.37
CA ARG A 52 19.09 0.12 15.39
C ARG A 52 19.46 -1.18 16.11
N GLU A 53 18.46 -1.96 16.55
CA GLU A 53 18.70 -3.21 17.26
C GLU A 53 19.39 -4.25 16.37
N ARG A 54 18.94 -4.42 15.13
CA ARG A 54 19.58 -5.38 14.23
C ARG A 54 21.02 -5.00 13.93
N ALA A 55 21.28 -3.72 13.68
CA ALA A 55 22.64 -3.27 13.37
C ALA A 55 23.56 -3.33 14.58
N ALA A 56 23.00 -3.32 15.80
CA ALA A 56 23.81 -3.55 16.99
C ALA A 56 24.15 -5.02 17.17
N ALA A 57 23.25 -5.92 16.77
CA ALA A 57 23.48 -7.33 16.96
C ALA A 57 24.21 -7.97 15.79
N ASP A 58 23.96 -7.49 14.57
CA ASP A 58 24.55 -8.07 13.36
C ASP A 58 25.05 -6.95 12.45
N PRO A 59 26.03 -6.16 12.91
CA PRO A 59 26.43 -4.98 12.11
C PRO A 59 26.94 -5.30 10.72
N ASP A 60 27.63 -6.43 10.54
CA ASP A 60 28.28 -6.72 9.28
C ASP A 60 27.50 -7.65 8.37
N ARG A 61 26.30 -8.07 8.75
CA ARG A 61 25.44 -8.77 7.82
C ARG A 61 24.98 -7.83 6.72
N ILE A 62 24.77 -8.38 5.53
CA ILE A 62 24.30 -7.62 4.38
C ILE A 62 22.81 -7.34 4.55
N ALA A 63 22.44 -6.07 4.66
CA ALA A 63 21.05 -5.68 4.86
C ALA A 63 20.30 -5.40 3.57
N LEU A 64 20.98 -4.88 2.55
CA LEU A 64 20.30 -4.31 1.40
C LEU A 64 21.16 -4.47 0.16
N VAL A 65 20.53 -4.92 -0.92
CA VAL A 65 21.14 -5.03 -2.24
C VAL A 65 20.23 -4.32 -3.22
N ASP A 66 20.79 -3.45 -4.06
CA ASP A 66 19.99 -2.81 -5.08
C ASP A 66 20.12 -3.58 -6.41
N ALA A 67 19.40 -3.09 -7.42
CA ALA A 67 19.32 -3.84 -8.68
C ALA A 67 20.67 -3.93 -9.37
N ALA A 68 21.54 -2.93 -9.19
CA ALA A 68 22.85 -2.94 -9.84
C ALA A 68 23.83 -3.90 -9.19
N GLY A 69 23.53 -4.38 -7.99
CA GLY A 69 24.44 -5.23 -7.24
C GLY A 69 25.20 -4.55 -6.13
N ASP A 70 24.97 -3.27 -5.90
CA ASP A 70 25.58 -2.61 -4.76
C ASP A 70 24.90 -3.06 -3.47
N ARG A 71 25.67 -3.00 -2.37
CA ARG A 71 25.42 -3.79 -1.17
C ARG A 71 25.71 -2.95 0.05
N TRP A 72 24.89 -3.08 1.09
CA TRP A 72 25.10 -2.32 2.33
C TRP A 72 24.88 -3.24 3.53
N THR A 73 25.76 -3.11 4.52
CA THR A 73 25.60 -3.85 5.75
C THR A 73 24.61 -3.13 6.66
N TYR A 74 24.19 -3.83 7.71
CA TYR A 74 23.31 -3.21 8.70
C TYR A 74 23.96 -2.00 9.35
N ALA A 75 25.25 -2.09 9.67
CA ALA A 75 25.95 -0.96 10.27
C ALA A 75 26.04 0.21 9.30
N GLU A 76 26.23 -0.07 8.01
CA GLU A 76 26.31 1.02 7.04
C GLU A 76 24.95 1.71 6.88
N LEU A 77 23.88 0.93 6.82
CA LEU A 77 22.54 1.48 6.71
C LEU A 77 22.17 2.30 7.95
N ASP A 78 22.46 1.76 9.13
CA ASP A 78 22.18 2.47 10.37
C ASP A 78 22.92 3.79 10.43
N ARG A 79 24.19 3.79 10.02
CA ARG A 79 25.00 4.99 10.04
C ARG A 79 24.49 6.04 9.05
N HIS A 80 24.16 5.60 7.83
CA HIS A 80 23.66 6.52 6.82
C HIS A 80 22.34 7.15 7.23
N ALA A 81 21.43 6.33 7.80
CA ALA A 81 20.18 6.86 8.32
C ALA A 81 20.42 7.94 9.37
N ASP A 82 21.42 7.75 10.24
CA ASP A 82 21.74 8.76 11.24
C ASP A 82 22.24 10.06 10.58
N ARG A 83 23.07 9.92 9.54
CA ARG A 83 23.64 11.10 8.90
C ARG A 83 22.58 11.87 8.12
N GLN A 84 21.68 11.15 7.45
CA GLN A 84 20.61 11.82 6.73
C GLN A 84 19.58 12.42 7.70
N ALA A 85 19.37 11.80 8.86
CA ALA A 85 18.52 12.41 9.87
C ALA A 85 19.08 13.73 10.36
N ALA A 86 20.39 13.77 10.59
CA ALA A 86 21.04 15.02 10.97
C ALA A 86 20.96 16.06 9.86
N GLY A 87 21.11 15.65 8.61
CA GLY A 87 20.97 16.59 7.51
C GLY A 87 19.56 17.12 7.37
N LEU A 88 18.56 16.28 7.63
CA LEU A 88 17.17 16.73 7.58
C LEU A 88 16.90 17.78 8.65
N ARG A 89 17.41 17.57 9.85
CA ARG A 89 17.23 18.56 10.91
C ARG A 89 17.89 19.89 10.53
N ARG A 90 19.02 19.85 9.82
CA ARG A 90 19.66 21.08 9.38
C ARG A 90 18.76 21.87 8.42
N LEU A 91 17.89 21.18 7.67
CA LEU A 91 16.95 21.81 6.77
C LEU A 91 15.66 22.22 7.46
N GLY A 92 15.50 21.95 8.76
CA GLY A 92 14.28 22.25 9.46
C GLY A 92 13.21 21.19 9.37
N ILE A 93 13.55 20.01 8.87
N ILE A 93 13.54 20.00 8.89
CA ILE A 93 12.62 18.89 8.79
CA ILE A 93 12.60 18.90 8.77
C ILE A 93 12.79 18.08 10.07
C ILE A 93 12.76 18.03 10.02
N GLY A 94 11.76 18.01 10.88
CA GLY A 94 11.87 17.28 12.12
C GLY A 94 10.58 16.99 12.84
N ALA A 95 10.65 17.01 14.17
CA ALA A 95 9.61 16.54 15.06
C ALA A 95 8.20 16.93 14.60
N GLY A 96 7.49 15.95 14.02
CA GLY A 96 6.09 16.09 13.68
C GLY A 96 5.82 16.47 12.24
N ASP A 97 6.82 16.98 11.51
CA ASP A 97 6.61 17.43 10.14
C ASP A 97 6.23 16.27 9.25
N ARG A 98 5.21 16.47 8.42
CA ARG A 98 4.82 15.46 7.46
C ARG A 98 5.59 15.68 6.16
N VAL A 99 6.13 14.59 5.61
CA VAL A 99 6.97 14.63 4.42
C VAL A 99 6.40 13.62 3.41
N VAL A 100 6.01 14.11 2.24
CA VAL A 100 5.50 13.24 1.18
C VAL A 100 6.69 12.59 0.47
N VAL A 101 6.70 11.26 0.44
CA VAL A 101 7.78 10.49 -0.17
C VAL A 101 7.23 9.77 -1.39
N GLN A 102 7.90 9.94 -2.53
CA GLN A 102 7.51 9.29 -3.79
C GLN A 102 8.79 8.83 -4.46
N LEU A 103 9.19 7.58 -4.22
CA LEU A 103 10.50 7.14 -4.65
C LEU A 103 10.43 5.77 -5.30
N PRO A 104 11.37 5.46 -6.18
CA PRO A 104 11.43 4.13 -6.79
C PRO A 104 12.04 3.12 -5.82
N ASN A 105 12.18 1.88 -6.31
CA ASN A 105 12.77 0.81 -5.51
C ASN A 105 14.28 0.91 -5.61
N THR A 106 14.84 1.85 -4.85
CA THR A 106 16.27 2.05 -4.75
C THR A 106 16.67 2.23 -3.29
N ASP A 107 17.99 2.18 -3.04
CA ASP A 107 18.48 2.30 -1.67
C ASP A 107 18.13 3.65 -1.06
N ALA A 108 17.92 4.67 -1.89
CA ALA A 108 17.60 5.99 -1.38
C ALA A 108 16.37 5.95 -0.48
N PHE A 109 15.33 5.21 -0.90
CA PHE A 109 14.10 5.14 -0.11
C PHE A 109 14.35 4.52 1.26
N VAL A 110 15.14 3.45 1.30
CA VAL A 110 15.34 2.74 2.55
C VAL A 110 16.08 3.61 3.55
N VAL A 111 17.16 4.24 3.11
CA VAL A 111 17.91 5.15 3.97
C VAL A 111 17.01 6.30 4.44
N LEU A 112 16.27 6.90 3.52
CA LEU A 112 15.47 8.08 3.86
C LEU A 112 14.32 7.71 4.80
N PHE A 113 13.73 6.53 4.63
CA PHE A 113 12.66 6.10 5.52
C PHE A 113 13.10 6.17 6.98
N PHE A 114 14.25 5.56 7.28
CA PHE A 114 14.72 5.56 8.66
C PHE A 114 15.26 6.91 9.08
N ALA A 115 15.82 7.68 8.14
CA ALA A 115 16.28 9.02 8.48
C ALA A 115 15.13 9.90 8.92
N LEU A 116 14.03 9.88 8.18
CA LEU A 116 12.84 10.64 8.54
C LEU A 116 12.31 10.24 9.91
N LEU A 117 12.19 8.94 10.17
CA LEU A 117 11.74 8.46 11.47
C LEU A 117 12.64 8.98 12.59
N ARG A 118 13.95 8.92 12.39
CA ARG A 118 14.86 9.36 13.44
C ARG A 118 14.87 10.86 13.60
N ALA A 119 14.64 11.62 12.53
CA ALA A 119 14.48 13.06 12.66
C ALA A 119 13.18 13.45 13.34
N GLY A 120 12.25 12.52 13.52
CA GLY A 120 10.95 12.82 14.09
C GLY A 120 9.89 13.14 13.07
N ALA A 121 10.23 13.17 11.79
CA ALA A 121 9.26 13.47 10.75
C ALA A 121 8.37 12.25 10.52
N VAL A 122 7.20 12.52 9.96
CA VAL A 122 6.19 11.51 9.68
C VAL A 122 6.15 11.28 8.18
N PRO A 123 6.69 10.19 7.67
CA PRO A 123 6.59 9.93 6.21
C PRO A 123 5.15 9.73 5.77
N VAL A 124 4.82 10.35 4.64
CA VAL A 124 3.54 10.18 3.96
C VAL A 124 3.88 9.47 2.66
N LEU A 125 3.60 8.17 2.60
N LEU A 125 3.58 8.17 2.59
CA LEU A 125 4.10 7.32 1.52
CA LEU A 125 4.12 7.31 1.53
C LEU A 125 3.16 7.36 0.33
C LEU A 125 3.18 7.29 0.32
N THR A 126 3.69 7.73 -0.82
CA THR A 126 2.94 7.67 -2.07
C THR A 126 3.69 6.77 -3.05
N LEU A 127 3.04 6.44 -4.12
CA LEU A 127 3.57 5.52 -5.11
C LEU A 127 4.13 6.28 -6.31
N PRO A 128 5.13 5.72 -6.99
CA PRO A 128 5.67 6.38 -8.19
C PRO A 128 4.61 6.75 -9.23
N ALA A 129 3.52 6.00 -9.34
CA ALA A 129 2.49 6.27 -10.32
C ALA A 129 1.62 7.49 -9.96
N HIS A 130 1.67 7.97 -8.74
CA HIS A 130 0.75 9.02 -8.35
C HIS A 130 1.13 10.34 -9.02
N ARG A 131 0.12 11.13 -9.35
CA ARG A 131 0.35 12.37 -10.06
C ARG A 131 -0.25 13.55 -9.31
N GLU A 132 -0.43 14.70 -9.99
CA GLU A 132 -0.67 15.94 -9.26
C GLU A 132 -1.92 15.87 -8.39
N SER A 133 -2.97 15.22 -8.86
CA SER A 133 -4.22 15.20 -8.10
CA SER A 133 -4.22 15.17 -8.11
C SER A 133 -4.03 14.46 -6.77
N GLU A 134 -3.35 13.32 -6.79
CA GLU A 134 -3.11 12.57 -5.56
C GLU A 134 -2.06 13.26 -4.69
N ILE A 135 -0.99 13.75 -5.29
CA ILE A 135 0.09 14.36 -4.53
C ILE A 135 -0.38 15.65 -3.87
N VAL A 136 -1.13 16.46 -4.59
CA VAL A 136 -1.58 17.72 -4.01
C VAL A 136 -2.55 17.45 -2.87
N HIS A 137 -3.46 16.49 -3.04
CA HIS A 137 -4.43 16.22 -1.99
C HIS A 137 -3.74 15.75 -0.70
N VAL A 138 -2.82 14.78 -0.82
CA VAL A 138 -2.21 14.27 0.39
C VAL A 138 -1.29 15.31 1.02
N ALA A 139 -0.62 16.13 0.21
CA ALA A 139 0.25 17.15 0.77
C ALA A 139 -0.57 18.24 1.45
N GLU A 140 -1.67 18.64 0.82
CA GLU A 140 -2.60 19.59 1.43
C GLU A 140 -3.20 19.03 2.72
N THR A 141 -3.68 17.79 2.67
CA THR A 141 -4.30 17.18 3.86
C THR A 141 -3.31 17.10 5.01
N ALA A 142 -2.12 16.56 4.76
CA ALA A 142 -1.12 16.38 5.80
C ALA A 142 -0.43 17.67 6.19
N GLY A 143 -0.64 18.78 5.48
CA GLY A 143 0.13 19.97 5.76
C GLY A 143 1.62 19.75 5.56
N ALA A 144 1.99 18.96 4.57
CA ALA A 144 3.37 18.53 4.41
C ALA A 144 4.30 19.71 4.22
N THR A 145 5.48 19.63 4.81
CA THR A 145 6.48 20.68 4.67
C THR A 145 7.56 20.32 3.66
N ALA A 146 7.59 19.08 3.19
CA ALA A 146 8.60 18.65 2.23
C ALA A 146 8.05 17.53 1.37
N TYR A 147 8.70 17.34 0.22
CA TYR A 147 8.28 16.39 -0.79
C TYR A 147 9.55 15.80 -1.40
N VAL A 148 9.63 14.48 -1.47
CA VAL A 148 10.82 13.76 -1.91
C VAL A 148 10.49 12.98 -3.18
N ILE A 149 11.24 13.21 -4.24
N ILE A 149 11.27 13.17 -4.23
CA ILE A 149 10.93 12.60 -5.53
CA ILE A 149 10.96 12.64 -5.55
C ILE A 149 12.20 12.14 -6.22
C ILE A 149 12.24 12.14 -6.21
N PRO A 150 12.11 11.33 -7.26
CA PRO A 150 13.24 11.10 -8.16
C PRO A 150 13.29 12.27 -9.15
N ASP A 151 14.30 12.28 -10.00
CA ASP A 151 14.24 13.28 -11.07
C ASP A 151 13.29 12.79 -12.16
N VAL A 152 13.71 11.80 -12.94
CA VAL A 152 12.88 11.22 -13.99
C VAL A 152 12.72 9.73 -13.68
N LEU A 153 11.48 9.24 -13.80
CA LEU A 153 11.18 7.84 -13.50
C LEU A 153 10.14 7.35 -14.50
N ASP A 154 10.48 6.29 -15.23
CA ASP A 154 9.60 5.69 -16.23
C ASP A 154 9.09 6.74 -17.22
N GLY A 155 9.97 7.67 -17.57
CA GLY A 155 9.68 8.67 -18.59
C GLY A 155 9.04 9.92 -18.07
N PHE A 156 8.75 10.00 -16.77
CA PHE A 156 8.05 11.12 -16.18
C PHE A 156 8.98 11.94 -15.31
N ASP A 157 8.99 13.26 -15.53
CA ASP A 157 9.81 14.18 -14.76
C ASP A 157 9.02 14.58 -13.52
N HIS A 158 9.36 13.97 -12.38
CA HIS A 158 8.70 14.30 -11.12
C HIS A 158 9.04 15.70 -10.60
N ARG A 159 10.12 16.32 -11.09
CA ARG A 159 10.44 17.68 -10.70
C ARG A 159 9.38 18.67 -11.21
N ALA A 160 8.85 18.43 -12.41
CA ALA A 160 7.71 19.22 -12.86
C ALA A 160 6.53 19.06 -11.91
N LEU A 161 6.27 17.83 -11.48
CA LEU A 161 5.18 17.57 -10.56
C LEU A 161 5.43 18.27 -9.22
N ALA A 162 6.68 18.31 -8.77
CA ALA A 162 7.01 19.00 -7.53
C ALA A 162 6.76 20.50 -7.64
N ARG A 163 7.04 21.09 -8.80
CA ARG A 163 6.76 22.50 -9.01
C ARG A 163 5.26 22.77 -8.98
N ALA A 164 4.46 21.87 -9.54
CA ALA A 164 3.02 22.01 -9.49
C ALA A 164 2.49 21.87 -8.07
N ALA A 165 3.05 20.92 -7.32
CA ALA A 165 2.60 20.69 -5.94
C ALA A 165 2.92 21.86 -5.05
N ARG A 166 4.10 22.47 -5.23
CA ARG A 166 4.47 23.64 -4.45
C ARG A 166 3.56 24.83 -4.75
N LYS A 167 3.16 24.99 -6.01
N LYS A 167 3.17 25.00 -6.02
CA LYS A 167 2.27 26.09 -6.36
CA LYS A 167 2.27 26.09 -6.36
C LYS A 167 0.90 25.90 -5.74
C LYS A 167 0.90 25.90 -5.73
N ALA A 168 0.47 24.66 -5.55
CA ALA A 168 -0.84 24.39 -4.97
C ALA A 168 -0.80 24.25 -3.46
N VAL A 169 0.36 23.92 -2.90
CA VAL A 169 0.47 23.65 -1.47
C VAL A 169 1.59 24.51 -0.91
N PRO A 170 1.25 25.68 -0.37
CA PRO A 170 2.28 26.59 0.14
C PRO A 170 3.11 26.02 1.26
N SER A 171 2.61 25.01 1.99
CA SER A 171 3.37 24.47 3.12
C SER A 171 4.65 23.75 2.70
N ILE A 172 4.73 23.27 1.46
CA ILE A 172 5.93 22.56 1.00
C ILE A 172 7.06 23.57 0.85
N GLU A 173 8.04 23.48 1.74
CA GLU A 173 9.21 24.35 1.68
C GLU A 173 10.41 23.71 0.99
N HIS A 174 10.59 22.40 1.14
CA HIS A 174 11.74 21.72 0.60
C HIS A 174 11.30 20.61 -0.35
N VAL A 175 12.04 20.50 -1.44
CA VAL A 175 11.91 19.40 -2.38
C VAL A 175 13.27 18.72 -2.46
N LEU A 176 13.33 17.46 -2.04
CA LEU A 176 14.55 16.67 -2.06
C LEU A 176 14.47 15.68 -3.22
N VAL A 177 15.52 15.65 -4.05
CA VAL A 177 15.49 14.92 -5.32
C VAL A 177 16.54 13.82 -5.30
N ALA A 178 16.09 12.58 -5.50
CA ALA A 178 16.98 11.44 -5.69
C ALA A 178 17.42 11.45 -7.15
N GLY A 179 18.43 12.25 -7.42
CA GLY A 179 18.89 12.47 -8.77
C GLY A 179 19.35 13.90 -8.99
N GLU A 180 19.15 14.38 -10.21
CA GLU A 180 19.57 15.71 -10.61
C GLU A 180 18.55 16.71 -10.04
N ALA A 181 18.98 17.47 -9.03
CA ALA A 181 18.04 18.21 -8.18
C ALA A 181 17.48 19.47 -8.83
N ALA A 182 18.05 19.95 -9.93
CA ALA A 182 17.60 21.18 -10.58
C ALA A 182 17.70 22.29 -9.54
N GLU A 183 16.68 23.09 -9.33
CA GLU A 183 16.74 24.19 -8.37
C GLU A 183 16.46 23.74 -6.95
N PHE A 184 16.20 22.44 -6.76
CA PHE A 184 15.81 21.87 -5.48
C PHE A 184 17.05 21.33 -4.76
N THR A 185 16.83 20.49 -3.74
CA THR A 185 17.90 19.95 -2.93
C THR A 185 18.15 18.51 -3.34
N ALA A 186 19.42 18.17 -3.58
CA ALA A 186 19.76 16.78 -3.88
C ALA A 186 19.70 15.95 -2.60
N LEU A 187 18.89 14.88 -2.63
CA LEU A 187 18.76 14.01 -1.46
C LEU A 187 20.11 13.52 -0.95
N ALA A 188 21.08 13.30 -1.85
CA ALA A 188 22.39 12.84 -1.41
C ALA A 188 23.11 13.88 -0.56
N ASP A 189 22.83 15.17 -0.78
CA ASP A 189 23.46 16.23 0.00
C ASP A 189 22.82 16.40 1.38
N VAL A 190 21.71 15.71 1.65
CA VAL A 190 21.08 15.73 2.97
C VAL A 190 21.88 14.80 3.87
N ASP A 191 22.91 15.34 4.50
CA ASP A 191 23.95 14.55 5.13
C ASP A 191 24.70 15.45 6.09
N ALA A 192 24.91 14.97 7.32
CA ALA A 192 25.58 15.76 8.34
C ALA A 192 26.07 14.81 9.42
N ALA A 193 26.96 15.32 10.26
CA ALA A 193 27.48 14.53 11.35
C ALA A 193 26.33 14.16 12.29
N PRO A 194 26.20 12.90 12.68
CA PRO A 194 25.06 12.49 13.51
C PRO A 194 24.98 13.30 14.79
N VAL A 195 23.74 13.49 15.24
N VAL A 195 23.74 13.48 15.25
CA VAL A 195 23.46 14.33 16.40
CA VAL A 195 23.44 14.34 16.38
C VAL A 195 22.47 13.58 17.29
C VAL A 195 22.45 13.60 17.28
N PRO A 196 22.58 13.68 18.61
CA PRO A 196 21.55 13.11 19.48
C PRO A 196 20.15 13.58 19.15
N LEU A 197 19.26 12.64 18.86
CA LEU A 197 17.86 12.93 18.57
C LEU A 197 16.99 12.17 19.56
N ALA A 198 15.98 12.84 20.10
CA ALA A 198 15.07 12.20 21.03
C ALA A 198 14.22 11.15 20.32
N GLU A 199 13.91 10.06 21.04
CA GLU A 199 13.00 9.06 20.53
C GLU A 199 11.57 9.59 20.54
N PRO A 200 10.74 9.16 19.58
CA PRO A 200 9.32 9.51 19.62
C PRO A 200 8.56 8.58 20.55
N ASP A 201 7.39 9.04 20.97
CA ASP A 201 6.50 8.23 21.79
C ASP A 201 5.98 7.07 20.94
N PRO A 202 6.08 5.82 21.41
CA PRO A 202 5.69 4.69 20.54
C PRO A 202 4.20 4.62 20.26
N GLY A 203 3.37 5.33 21.01
CA GLY A 203 1.95 5.41 20.77
C GLY A 203 1.54 6.47 19.76
N ASP A 204 2.51 7.24 19.27
CA ASP A 204 2.25 8.28 18.28
C ASP A 204 2.28 7.70 16.87
N VAL A 205 1.70 8.47 15.94
CA VAL A 205 1.74 8.12 14.52
C VAL A 205 3.18 8.09 14.05
N ALA A 206 3.56 6.99 13.41
CA ALA A 206 4.90 6.85 12.85
C ALA A 206 4.94 7.25 11.38
N LEU A 207 3.89 6.94 10.64
CA LEU A 207 3.84 7.19 9.20
C LEU A 207 2.37 7.21 8.77
N LEU A 208 2.13 7.79 7.60
CA LEU A 208 0.81 7.83 6.98
C LEU A 208 0.86 7.05 5.69
N LEU A 209 -0.04 6.09 5.55
CA LEU A 209 -0.23 5.32 4.32
C LEU A 209 -1.41 5.88 3.54
N LEU A 210 -1.44 5.60 2.25
CA LEU A 210 -2.53 6.01 1.37
C LEU A 210 -3.44 4.83 1.08
N SER A 211 -4.75 5.09 1.02
CA SER A 211 -5.68 4.08 0.53
C SER A 211 -6.51 4.68 -0.58
N GLY A 212 -6.79 3.89 -1.61
CA GLY A 212 -7.67 4.35 -2.68
C GLY A 212 -9.01 4.82 -2.14
N GLY A 213 -9.57 4.07 -1.21
CA GLY A 213 -10.78 4.53 -0.57
C GLY A 213 -11.99 4.48 -1.48
N THR A 214 -13.06 5.06 -0.96
CA THR A 214 -14.35 5.03 -1.63
C THR A 214 -14.97 6.40 -1.81
N THR A 215 -14.31 7.47 -1.39
N THR A 215 -14.32 7.47 -1.38
CA THR A 215 -14.87 8.81 -1.46
CA THR A 215 -14.89 8.80 -1.45
C THR A 215 -14.21 9.62 -2.57
C THR A 215 -14.17 9.62 -2.52
N GLY A 216 -14.45 10.93 -2.55
CA GLY A 216 -13.95 11.78 -3.61
C GLY A 216 -12.48 12.12 -3.53
N LYS A 217 -11.81 11.76 -2.43
CA LYS A 217 -10.41 12.08 -2.23
C LYS A 217 -9.71 10.89 -1.59
N PRO A 218 -8.46 10.61 -1.95
CA PRO A 218 -7.72 9.53 -1.27
C PRO A 218 -7.70 9.77 0.23
N LYS A 219 -7.56 8.68 0.98
CA LYS A 219 -7.61 8.76 2.44
C LYS A 219 -6.28 8.35 3.02
N LEU A 220 -5.84 9.06 4.05
CA LEU A 220 -4.58 8.75 4.71
C LEU A 220 -4.83 7.93 5.98
N ILE A 221 -3.97 6.96 6.20
CA ILE A 221 -4.08 5.95 7.26
C ILE A 221 -2.94 6.20 8.24
N PRO A 222 -3.23 6.60 9.49
CA PRO A 222 -2.16 6.75 10.46
C PRO A 222 -1.79 5.39 11.04
N ARG A 223 -0.50 5.08 11.05
CA ARG A 223 0.01 3.85 11.65
C ARG A 223 1.01 4.24 12.72
N THR A 224 0.80 3.74 13.94
CA THR A 224 1.63 4.11 15.07
C THR A 224 2.88 3.25 15.14
N HIS A 225 3.86 3.70 15.90
CA HIS A 225 5.07 2.89 16.08
C HIS A 225 4.73 1.51 16.63
N ASP A 226 3.88 1.47 17.67
CA ASP A 226 3.56 0.20 18.32
C ASP A 226 2.81 -0.74 17.39
N ASP A 227 1.81 -0.23 16.65
CA ASP A 227 1.01 -1.16 15.86
C ASP A 227 1.73 -1.56 14.57
N TYR A 228 2.54 -0.68 14.00
CA TYR A 228 3.27 -1.05 12.79
C TYR A 228 4.43 -2.00 13.11
N THR A 229 5.12 -1.78 14.22
CA THR A 229 6.13 -2.74 14.67
C THR A 229 5.51 -4.12 14.90
N TYR A 230 4.31 -4.16 15.49
CA TYR A 230 3.63 -5.44 15.71
C TYR A 230 3.25 -6.07 14.38
N ASN A 231 2.63 -5.29 13.51
CA ASN A 231 2.35 -5.71 12.13
C ASN A 231 3.57 -6.40 11.51
N VAL A 232 4.73 -5.73 11.57
CA VAL A 232 5.96 -6.25 11.00
C VAL A 232 6.41 -7.51 11.73
N ARG A 233 6.48 -7.44 13.07
CA ARG A 233 7.06 -8.54 13.85
C ARG A 233 6.20 -9.80 13.75
N ALA A 234 4.88 -9.65 13.94
CA ALA A 234 3.99 -10.80 13.87
C ALA A 234 3.94 -11.39 12.46
N SER A 235 3.95 -10.54 11.43
CA SER A 235 4.01 -11.01 10.05
C SER A 235 5.27 -11.81 9.79
N ALA A 236 6.42 -11.31 10.25
CA ALA A 236 7.67 -12.05 10.08
C ALA A 236 7.59 -13.42 10.73
N GLU A 237 6.93 -13.51 11.89
CA GLU A 237 6.77 -14.79 12.57
C GLU A 237 5.95 -15.76 11.73
N VAL A 238 4.79 -15.32 11.25
N VAL A 238 4.78 -15.32 11.27
CA VAL A 238 3.88 -16.22 10.55
CA VAL A 238 3.87 -16.19 10.53
C VAL A 238 4.45 -16.64 9.19
C VAL A 238 4.50 -16.65 9.22
N CYS A 239 5.31 -15.81 8.59
CA CYS A 239 5.89 -16.10 7.28
C CYS A 239 7.26 -16.76 7.38
N GLY A 240 7.72 -17.08 8.59
CA GLY A 240 9.00 -17.73 8.77
C GLY A 240 10.19 -16.90 8.33
N PHE A 241 10.08 -15.57 8.38
CA PHE A 241 11.22 -14.73 8.05
C PHE A 241 12.24 -14.81 9.16
N ASP A 242 13.51 -14.99 8.80
CA ASP A 242 14.59 -14.80 9.76
C ASP A 242 15.86 -14.41 9.00
N SER A 243 17.02 -14.61 9.64
CA SER A 243 18.26 -14.07 9.09
C SER A 243 18.68 -14.75 7.79
N ASP A 244 18.10 -15.92 7.48
N ASP A 244 18.13 -15.92 7.46
CA ASP A 244 18.31 -16.64 6.25
CA ASP A 244 18.44 -16.50 6.16
C ASP A 244 17.42 -16.15 5.11
C ASP A 244 17.37 -16.20 5.11
N THR A 245 16.49 -15.24 5.37
CA THR A 245 15.55 -14.79 4.37
C THR A 245 16.21 -13.76 3.47
N VAL A 246 16.08 -13.96 2.17
CA VAL A 246 16.46 -12.98 1.16
C VAL A 246 15.16 -12.57 0.48
N TYR A 247 14.69 -11.37 0.76
CA TYR A 247 13.38 -10.90 0.31
C TYR A 247 13.54 -9.97 -0.88
N LEU A 248 12.82 -10.24 -1.97
CA LEU A 248 12.86 -9.39 -3.15
C LEU A 248 11.68 -8.44 -3.13
N VAL A 249 11.97 -7.14 -3.15
CA VAL A 249 10.92 -6.12 -3.15
C VAL A 249 10.48 -5.91 -4.61
N VAL A 250 9.35 -6.53 -4.96
CA VAL A 250 8.81 -6.46 -6.31
C VAL A 250 7.74 -5.38 -6.44
N LEU A 251 6.85 -5.28 -5.45
CA LEU A 251 5.93 -4.17 -5.38
C LEU A 251 6.70 -2.91 -4.99
N PRO A 252 6.11 -1.72 -5.14
CA PRO A 252 6.77 -0.50 -4.64
C PRO A 252 7.12 -0.61 -3.17
N THR A 253 8.27 -0.06 -2.80
CA THR A 253 8.71 -0.09 -1.40
C THR A 253 7.68 0.55 -0.48
N ALA A 254 6.89 1.49 -1.00
CA ALA A 254 5.87 2.21 -0.23
C ALA A 254 4.56 1.46 -0.13
N HIS A 255 4.41 0.35 -0.85
CA HIS A 255 3.23 -0.49 -0.72
C HIS A 255 3.30 -1.26 0.60
N ASN A 256 2.22 -1.18 1.41
CA ASN A 256 2.19 -1.83 2.71
C ASN A 256 2.61 -3.30 2.65
N PHE A 257 2.14 -4.01 1.61
CA PHE A 257 2.43 -5.43 1.44
C PHE A 257 3.94 -5.69 1.40
N ALA A 258 4.66 -4.90 0.59
CA ALA A 258 6.09 -5.05 0.42
C ALA A 258 6.91 -4.28 1.47
N LEU A 259 6.27 -3.37 2.20
CA LEU A 259 6.97 -2.65 3.26
C LEU A 259 6.92 -3.41 4.58
N ALA A 260 5.80 -4.05 4.90
CA ALA A 260 5.57 -4.46 6.28
C ALA A 260 4.85 -5.79 6.48
N CYS A 261 4.55 -6.56 5.44
CA CYS A 261 3.69 -7.75 5.59
C CYS A 261 4.33 -9.02 5.02
N PRO A 262 5.52 -9.42 5.52
CA PRO A 262 6.42 -8.73 6.44
C PRO A 262 7.28 -7.71 5.70
N GLY A 263 7.46 -7.91 4.39
CA GLY A 263 8.11 -6.99 3.51
C GLY A 263 9.54 -6.70 3.93
N LEU A 264 10.04 -5.53 3.50
CA LEU A 264 11.41 -5.18 3.78
C LEU A 264 11.63 -4.88 5.26
N LEU A 265 10.66 -4.27 5.92
CA LEU A 265 10.84 -3.99 7.34
C LEU A 265 10.97 -5.29 8.16
N GLY A 266 10.16 -6.30 7.83
CA GLY A 266 10.28 -7.59 8.52
C GLY A 266 11.61 -8.26 8.24
N THR A 267 12.10 -8.13 7.01
CA THR A 267 13.42 -8.66 6.67
C THR A 267 14.52 -7.97 7.47
N LEU A 268 14.50 -6.64 7.54
CA LEU A 268 15.50 -5.92 8.30
C LEU A 268 15.40 -6.22 9.79
N MET A 269 14.17 -6.30 10.31
CA MET A 269 13.98 -6.60 11.74
C MET A 269 14.67 -7.90 12.14
N VAL A 270 14.56 -8.94 11.31
CA VAL A 270 15.10 -10.25 11.67
C VAL A 270 16.52 -10.47 11.16
N GLY A 271 17.09 -9.54 10.41
CA GLY A 271 18.45 -9.68 9.97
C GLY A 271 18.66 -10.42 8.67
N GLY A 272 17.64 -10.49 7.82
CA GLY A 272 17.80 -11.03 6.49
C GLY A 272 18.37 -9.99 5.53
N THR A 273 18.21 -10.26 4.23
CA THR A 273 18.71 -9.40 3.18
C THR A 273 17.57 -8.94 2.29
N VAL A 274 17.44 -7.62 2.12
CA VAL A 274 16.47 -7.00 1.23
C VAL A 274 17.11 -6.80 -0.15
N VAL A 275 16.45 -7.29 -1.19
CA VAL A 275 16.90 -7.09 -2.57
C VAL A 275 15.82 -6.29 -3.30
N LEU A 276 16.22 -5.18 -3.91
CA LEU A 276 15.27 -4.27 -4.57
C LEU A 276 15.15 -4.62 -6.05
N ALA A 277 13.92 -4.94 -6.49
CA ALA A 277 13.67 -5.15 -7.92
C ALA A 277 13.19 -3.86 -8.56
N PRO A 278 13.73 -3.48 -9.73
CA PRO A 278 13.31 -2.22 -10.34
C PRO A 278 11.97 -2.34 -11.04
N THR A 279 11.60 -3.53 -11.49
CA THR A 279 10.30 -3.84 -12.07
C THR A 279 9.95 -5.28 -11.73
N PRO A 280 8.67 -5.66 -11.86
CA PRO A 280 8.28 -7.06 -11.66
C PRO A 280 8.42 -7.95 -12.88
N SER A 281 8.98 -7.45 -13.99
N SER A 281 8.98 -7.45 -13.99
CA SER A 281 9.16 -8.26 -15.18
CA SER A 281 9.14 -8.27 -15.18
C SER A 281 10.06 -9.45 -14.88
C SER A 281 10.06 -9.45 -14.88
N PRO A 282 9.78 -10.61 -15.50
CA PRO A 282 10.71 -11.74 -15.37
C PRO A 282 12.14 -11.39 -15.72
N GLU A 283 12.36 -10.51 -16.71
CA GLU A 283 13.70 -10.08 -17.07
C GLU A 283 14.46 -9.57 -15.85
N ASP A 284 13.82 -8.70 -15.06
CA ASP A 284 14.47 -8.15 -13.88
C ASP A 284 14.38 -9.10 -12.68
N ALA A 285 13.17 -9.60 -12.39
CA ALA A 285 12.98 -10.35 -11.16
C ALA A 285 13.66 -11.72 -11.19
N PHE A 286 13.55 -12.45 -12.30
CA PHE A 286 14.16 -13.78 -12.37
C PHE A 286 15.67 -13.69 -12.27
N GLU A 287 16.27 -12.68 -12.90
CA GLU A 287 17.70 -12.48 -12.80
C GLU A 287 18.12 -12.21 -11.36
N LEU A 288 17.36 -11.39 -10.64
CA LEU A 288 17.71 -11.08 -9.25
C LEU A 288 17.48 -12.28 -8.35
N ILE A 289 16.45 -13.09 -8.62
CA ILE A 289 16.22 -14.29 -7.81
C ILE A 289 17.40 -15.24 -7.96
N GLU A 290 17.87 -15.44 -9.19
CA GLU A 290 19.02 -16.30 -9.39
C GLU A 290 20.29 -15.66 -8.81
N ARG A 291 20.52 -14.37 -9.07
CA ARG A 291 21.78 -13.75 -8.68
C ARG A 291 21.91 -13.67 -7.16
N GLU A 292 20.86 -13.30 -6.47
CA GLU A 292 20.91 -13.07 -5.03
C GLU A 292 20.36 -14.22 -4.21
N LYS A 293 19.92 -15.31 -4.86
CA LYS A 293 19.33 -16.47 -4.17
C LYS A 293 18.16 -16.04 -3.27
N VAL A 294 17.25 -15.30 -3.88
CA VAL A 294 16.04 -14.84 -3.21
C VAL A 294 15.26 -16.03 -2.69
N THR A 295 14.78 -15.93 -1.44
CA THR A 295 13.99 -16.97 -0.83
C THR A 295 12.51 -16.63 -0.69
N ALA A 296 12.14 -15.33 -0.71
CA ALA A 296 10.77 -14.91 -0.52
C ALA A 296 10.49 -13.64 -1.30
N THR A 297 9.25 -13.51 -1.78
CA THR A 297 8.81 -12.27 -2.41
C THR A 297 7.29 -12.19 -2.33
N ALA A 298 6.76 -11.03 -2.72
CA ALA A 298 5.32 -10.78 -2.65
C ALA A 298 4.89 -10.09 -3.94
N VAL A 299 3.82 -10.59 -4.56
CA VAL A 299 3.33 -10.05 -5.82
C VAL A 299 1.81 -9.98 -5.78
N VAL A 300 1.23 -9.24 -6.74
CA VAL A 300 -0.21 -9.23 -6.99
C VAL A 300 -0.53 -10.29 -8.05
N PRO A 301 -1.78 -10.74 -8.15
CA PRO A 301 -2.09 -11.88 -9.03
C PRO A 301 -1.68 -11.68 -10.48
N PRO A 302 -1.85 -10.50 -11.08
CA PRO A 302 -1.40 -10.34 -12.47
C PRO A 302 0.08 -10.63 -12.67
N VAL A 303 0.92 -10.31 -11.71
CA VAL A 303 2.34 -10.65 -11.78
C VAL A 303 2.56 -12.14 -11.51
N ALA A 304 1.79 -12.73 -10.59
CA ALA A 304 1.86 -14.17 -10.39
C ALA A 304 1.59 -14.91 -11.68
N LEU A 305 0.51 -14.55 -12.37
CA LEU A 305 0.17 -15.20 -13.64
C LEU A 305 1.30 -15.02 -14.65
N LEU A 306 1.88 -13.83 -14.72
CA LEU A 306 2.98 -13.58 -15.65
C LEU A 306 4.17 -14.50 -15.36
N TRP A 307 4.56 -14.59 -14.09
CA TRP A 307 5.70 -15.45 -13.72
C TRP A 307 5.39 -16.92 -13.95
N LEU A 308 4.18 -17.34 -13.61
CA LEU A 308 3.77 -18.73 -13.85
C LEU A 308 3.85 -19.10 -15.32
N ASP A 309 3.53 -18.15 -16.22
CA ASP A 309 3.72 -18.34 -17.64
C ASP A 309 5.22 -18.35 -17.99
N ALA A 310 5.96 -17.37 -17.49
CA ALA A 310 7.29 -17.06 -18.02
C ALA A 310 8.32 -18.15 -17.74
N VAL A 311 8.13 -18.97 -16.70
CA VAL A 311 9.09 -20.04 -16.43
C VAL A 311 9.17 -21.03 -17.57
N GLU A 312 8.16 -21.07 -18.42
CA GLU A 312 8.16 -21.99 -19.54
C GLU A 312 9.08 -21.56 -20.68
N TRP A 313 9.55 -20.31 -20.69
CA TRP A 313 10.54 -19.88 -21.68
C TRP A 313 11.73 -19.13 -21.10
N GLU A 314 11.77 -18.88 -19.80
CA GLU A 314 12.93 -18.30 -19.16
C GLU A 314 13.82 -19.41 -18.58
N ASP A 315 15.13 -19.26 -18.68
CA ASP A 315 16.05 -20.26 -18.18
C ASP A 315 16.65 -19.92 -16.82
N ALA A 316 16.17 -18.87 -16.17
CA ALA A 316 16.67 -18.52 -14.85
C ALA A 316 16.47 -19.65 -13.86
N ASP A 317 17.45 -19.81 -12.97
CA ASP A 317 17.38 -20.77 -11.86
C ASP A 317 16.68 -20.08 -10.70
N LEU A 318 15.41 -20.43 -10.48
CA LEU A 318 14.62 -19.87 -9.39
C LEU A 318 14.53 -20.81 -8.19
N SER A 319 15.40 -21.83 -8.13
CA SER A 319 15.29 -22.85 -7.09
C SER A 319 15.40 -22.29 -5.67
N SER A 320 16.08 -21.16 -5.50
CA SER A 320 16.23 -20.62 -4.15
C SER A 320 14.90 -20.20 -3.56
N LEU A 321 13.94 -19.85 -4.41
CA LEU A 321 12.66 -19.34 -3.95
C LEU A 321 11.93 -20.36 -3.10
N ARG A 322 11.59 -19.97 -1.86
CA ARG A 322 10.85 -20.81 -0.95
C ARG A 322 9.42 -20.37 -0.73
N LEU A 323 9.15 -19.06 -0.82
CA LEU A 323 7.85 -18.51 -0.47
C LEU A 323 7.46 -17.43 -1.46
N LEU A 324 6.27 -17.59 -2.03
CA LEU A 324 5.65 -16.58 -2.90
C LEU A 324 4.36 -16.14 -2.25
N GLN A 325 4.33 -14.91 -1.73
CA GLN A 325 3.08 -14.34 -1.23
C GLN A 325 2.32 -13.70 -2.37
N VAL A 326 1.02 -13.94 -2.42
CA VAL A 326 0.18 -13.38 -3.48
C VAL A 326 -1.03 -12.73 -2.84
N GLY A 327 -1.20 -11.43 -3.07
CA GLY A 327 -2.29 -10.69 -2.48
C GLY A 327 -2.55 -9.40 -3.23
N GLY A 328 -3.42 -8.57 -2.64
CA GLY A 328 -3.83 -7.35 -3.31
C GLY A 328 -5.14 -7.54 -4.04
N SER A 329 -5.32 -8.72 -4.61
CA SER A 329 -6.61 -9.22 -5.07
C SER A 329 -6.58 -10.75 -4.96
N LYS A 330 -7.72 -11.36 -5.19
CA LYS A 330 -7.87 -12.79 -4.91
C LYS A 330 -7.22 -13.61 -6.02
N LEU A 331 -6.24 -14.43 -5.66
CA LEU A 331 -5.68 -15.39 -6.60
C LEU A 331 -6.62 -16.57 -6.77
N GLY A 332 -6.95 -16.90 -8.02
CA GLY A 332 -7.83 -18.01 -8.30
C GLY A 332 -7.22 -19.35 -7.93
N ALA A 333 -8.10 -20.33 -7.66
CA ALA A 333 -7.64 -21.64 -7.23
C ALA A 333 -6.84 -22.35 -8.31
N GLU A 334 -7.18 -22.14 -9.59
CA GLU A 334 -6.44 -22.84 -10.64
C GLU A 334 -5.00 -22.36 -10.73
N PRO A 335 -4.70 -21.07 -10.85
CA PRO A 335 -3.28 -20.67 -10.82
C PRO A 335 -2.61 -20.94 -9.48
N ALA A 336 -3.36 -20.86 -8.37
CA ALA A 336 -2.78 -21.16 -7.06
C ALA A 336 -2.21 -22.56 -7.02
N ALA A 337 -2.93 -23.53 -7.59
CA ALA A 337 -2.47 -24.90 -7.65
C ALA A 337 -1.20 -25.06 -8.48
N ARG A 338 -0.92 -24.14 -9.41
CA ARG A 338 0.24 -24.24 -10.27
C ARG A 338 1.52 -23.67 -9.64
N VAL A 339 1.44 -23.03 -8.47
CA VAL A 339 2.61 -22.33 -7.93
C VAL A 339 3.74 -23.32 -7.60
N ARG A 340 3.42 -24.41 -6.89
CA ARG A 340 4.46 -25.37 -6.56
C ARG A 340 5.04 -26.07 -7.79
N PRO A 341 4.25 -26.63 -8.72
CA PRO A 341 4.85 -27.27 -9.89
C PRO A 341 5.65 -26.33 -10.78
N ALA A 342 5.17 -25.09 -10.96
CA ALA A 342 5.80 -24.16 -11.88
C ALA A 342 6.98 -23.42 -11.25
N LEU A 343 6.80 -22.92 -10.03
CA LEU A 343 7.80 -22.06 -9.39
C LEU A 343 8.58 -22.74 -8.27
N GLY A 344 8.21 -23.96 -7.88
CA GLY A 344 9.00 -24.71 -6.92
C GLY A 344 9.02 -24.14 -5.52
N CYS A 345 7.97 -23.44 -5.12
CA CYS A 345 7.94 -22.81 -3.81
C CYS A 345 6.55 -22.97 -3.21
N THR A 346 6.45 -22.55 -1.95
CA THR A 346 5.17 -22.55 -1.24
C THR A 346 4.41 -21.26 -1.54
N LEU A 347 3.12 -21.40 -1.83
CA LEU A 347 2.25 -20.23 -1.97
C LEU A 347 1.72 -19.82 -0.61
N GLN A 348 1.67 -18.52 -0.38
CA GLN A 348 0.93 -17.97 0.75
C GLN A 348 -0.03 -16.92 0.23
N GLN A 349 -1.32 -17.16 0.39
CA GLN A 349 -2.32 -16.17 0.05
C GLN A 349 -2.41 -15.15 1.18
N VAL A 350 -2.46 -13.88 0.79
CA VAL A 350 -2.49 -12.77 1.74
C VAL A 350 -3.64 -11.85 1.37
N PHE A 351 -4.59 -11.71 2.28
CA PHE A 351 -5.71 -10.79 2.12
C PHE A 351 -5.50 -9.71 3.18
N GLY A 352 -5.00 -8.55 2.75
CA GLY A 352 -4.63 -7.49 3.66
C GLY A 352 -5.11 -6.14 3.20
N MET A 353 -4.77 -5.14 3.99
CA MET A 353 -5.17 -3.77 3.74
C MET A 353 -4.22 -2.85 4.50
N ALA A 354 -3.94 -1.69 3.90
CA ALA A 354 -3.17 -0.67 4.59
C ALA A 354 -3.86 -0.22 5.88
N GLU A 355 -5.18 -0.37 5.93
CA GLU A 355 -5.96 0.01 7.10
C GLU A 355 -5.64 -0.86 8.31
N GLY A 356 -5.08 -2.05 8.10
CA GLY A 356 -4.71 -2.91 9.20
C GLY A 356 -4.80 -4.38 8.85
N LEU A 357 -5.92 -5.01 9.23
CA LEU A 357 -6.13 -6.46 9.24
C LEU A 357 -5.43 -7.22 8.11
N LEU A 358 -4.60 -8.19 8.50
CA LEU A 358 -3.91 -9.06 7.56
C LEU A 358 -4.39 -10.48 7.79
N ASN A 359 -4.73 -11.16 6.71
CA ASN A 359 -5.06 -12.57 6.72
C ASN A 359 -4.00 -13.32 5.90
N TYR A 360 -3.47 -14.39 6.48
CA TYR A 360 -2.39 -15.17 5.90
C TYR A 360 -2.78 -16.64 5.88
N THR A 361 -2.57 -17.33 4.76
CA THR A 361 -2.50 -18.77 4.87
C THR A 361 -1.19 -19.10 5.57
N ARG A 362 -1.20 -20.15 6.39
CA ARG A 362 0.01 -20.54 7.09
C ARG A 362 0.85 -21.42 6.17
N LEU A 363 2.16 -21.41 6.41
CA LEU A 363 3.09 -22.02 5.47
C LEU A 363 2.93 -23.54 5.41
N ASP A 364 2.45 -24.14 6.50
CA ASP A 364 2.19 -25.58 6.51
C ASP A 364 0.69 -25.90 6.53
N ASP A 365 -0.16 -24.97 6.14
CA ASP A 365 -1.55 -25.30 5.89
C ASP A 365 -1.61 -26.42 4.85
N PRO A 366 -2.59 -27.31 4.93
CA PRO A 366 -2.83 -28.22 3.81
C PRO A 366 -2.94 -27.44 2.51
N SER A 367 -2.47 -28.06 1.43
CA SER A 367 -2.53 -27.38 0.13
C SER A 367 -3.95 -26.97 -0.24
N ASP A 368 -4.96 -27.71 0.22
CA ASP A 368 -6.35 -27.34 -0.04
C ASP A 368 -6.65 -25.92 0.41
N LEU A 369 -6.19 -25.54 1.60
CA LEU A 369 -6.50 -24.23 2.15
C LEU A 369 -5.65 -23.13 1.53
N VAL A 370 -4.43 -23.47 1.13
CA VAL A 370 -3.59 -22.51 0.43
C VAL A 370 -4.18 -22.20 -0.95
N ILE A 371 -4.79 -23.20 -1.58
CA ILE A 371 -5.35 -23.04 -2.91
C ILE A 371 -6.69 -22.30 -2.88
N GLN A 372 -7.53 -22.62 -1.88
CA GLN A 372 -8.94 -22.23 -1.89
C GLN A 372 -9.31 -21.08 -0.96
N THR A 373 -8.41 -20.67 -0.06
CA THR A 373 -8.75 -19.61 0.88
C THR A 373 -7.73 -18.49 0.81
N GLN A 374 -8.11 -17.37 1.41
CA GLN A 374 -7.29 -16.17 1.49
C GLN A 374 -6.73 -15.97 2.89
N GLY A 375 -6.59 -17.05 3.67
CA GLY A 375 -5.92 -17.01 4.95
C GLY A 375 -6.84 -16.73 6.13
N ARG A 376 -6.22 -16.70 7.31
CA ARG A 376 -6.91 -16.35 8.54
C ARG A 376 -6.14 -15.24 9.26
N PRO A 377 -6.81 -14.51 10.16
CA PRO A 377 -6.20 -13.29 10.71
C PRO A 377 -4.86 -13.52 11.38
N LEU A 378 -4.01 -12.49 11.30
CA LEU A 378 -2.65 -12.55 11.86
C LEU A 378 -2.66 -12.65 13.38
N SER A 379 -3.46 -11.82 14.05
CA SER A 379 -3.40 -11.66 15.49
C SER A 379 -4.50 -12.44 16.21
N PRO A 380 -4.19 -13.03 17.37
CA PRO A 380 -5.26 -13.61 18.21
C PRO A 380 -6.35 -12.61 18.57
N ASP A 381 -6.02 -11.32 18.63
CA ASP A 381 -6.97 -10.30 19.01
C ASP A 381 -7.44 -9.47 17.82
N ASP A 382 -7.25 -9.98 16.61
CA ASP A 382 -8.01 -9.52 15.46
C ASP A 382 -9.45 -9.98 15.63
N GLU A 383 -10.38 -9.04 15.72
CA GLU A 383 -11.78 -9.39 15.84
C GLU A 383 -12.46 -9.20 14.48
N ILE A 384 -13.24 -10.18 14.06
N ILE A 384 -13.33 -10.15 14.15
CA ILE A 384 -13.91 -10.08 12.77
CA ILE A 384 -13.96 -10.32 12.85
C ILE A 384 -15.40 -10.32 12.97
C ILE A 384 -15.47 -10.33 13.05
N ARG A 385 -16.20 -9.56 12.23
CA ARG A 385 -17.64 -9.71 12.12
C ARG A 385 -17.97 -9.82 10.65
N VAL A 386 -18.98 -10.62 10.31
CA VAL A 386 -19.47 -10.72 8.94
C VAL A 386 -20.96 -10.46 9.01
N VAL A 387 -21.40 -9.38 8.38
CA VAL A 387 -22.74 -8.84 8.60
C VAL A 387 -23.50 -8.74 7.28
N ASP A 388 -24.83 -8.84 7.38
CA ASP A 388 -25.70 -8.72 6.23
C ASP A 388 -25.98 -7.25 5.94
N GLU A 389 -26.93 -6.99 5.04
CA GLU A 389 -27.22 -5.63 4.64
C GLU A 389 -27.82 -4.82 5.78
N ASP A 390 -28.58 -5.46 6.65
CA ASP A 390 -29.18 -4.79 7.81
C ASP A 390 -28.20 -4.61 8.96
N GLY A 391 -26.94 -5.02 8.78
CA GLY A 391 -25.95 -4.90 9.83
C GLY A 391 -25.92 -6.04 10.81
N ARG A 392 -26.67 -7.11 10.57
CA ARG A 392 -26.73 -8.25 11.48
C ARG A 392 -25.70 -9.31 11.11
N ASP A 393 -25.15 -9.97 12.12
CA ASP A 393 -24.22 -11.06 11.90
C ASP A 393 -24.86 -12.15 11.05
N VAL A 394 -24.11 -12.64 10.06
CA VAL A 394 -24.59 -13.71 9.20
C VAL A 394 -24.51 -15.04 9.94
N ALA A 395 -25.26 -16.02 9.45
CA ALA A 395 -25.12 -17.38 9.93
C ALA A 395 -23.75 -17.92 9.54
N PRO A 396 -23.16 -18.79 10.36
CA PRO A 396 -21.83 -19.31 10.07
C PRO A 396 -21.72 -19.92 8.66
N GLY A 397 -20.74 -19.43 7.90
CA GLY A 397 -20.54 -19.86 6.53
C GLY A 397 -21.26 -19.05 5.47
N GLU A 398 -22.14 -18.12 5.86
CA GLU A 398 -22.80 -17.26 4.91
C GLU A 398 -21.88 -16.11 4.49
N THR A 399 -22.20 -15.52 3.34
CA THR A 399 -21.43 -14.40 2.81
C THR A 399 -22.03 -13.08 3.32
N GLY A 400 -21.16 -12.20 3.82
CA GLY A 400 -21.54 -10.87 4.26
C GLY A 400 -20.33 -9.97 4.25
N GLU A 401 -20.54 -8.72 4.66
CA GLU A 401 -19.47 -7.75 4.66
C GLU A 401 -18.61 -7.92 5.90
N LEU A 402 -17.29 -7.89 5.69
CA LEU A 402 -16.32 -8.01 6.75
C LEU A 402 -16.11 -6.67 7.47
N LEU A 403 -16.29 -6.69 8.78
CA LEU A 403 -15.91 -5.62 9.68
C LEU A 403 -14.83 -6.15 10.62
N THR A 404 -13.89 -5.29 11.01
CA THR A 404 -12.79 -5.80 11.78
C THR A 404 -12.24 -4.73 12.72
N ARG A 405 -11.62 -5.20 13.79
CA ARG A 405 -11.06 -4.39 14.86
C ARG A 405 -9.91 -5.17 15.45
N GLY A 406 -8.82 -4.49 15.82
CA GLY A 406 -7.67 -5.20 16.32
C GLY A 406 -6.49 -4.33 16.66
N PRO A 407 -5.37 -4.95 17.03
CA PRO A 407 -4.22 -4.19 17.55
C PRO A 407 -3.41 -3.47 16.49
N TYR A 408 -3.76 -3.56 15.22
CA TYR A 408 -3.06 -2.79 14.20
C TYR A 408 -4.03 -2.30 13.13
N THR A 409 -5.33 -2.30 13.40
CA THR A 409 -6.34 -1.76 12.51
C THR A 409 -6.77 -0.39 13.03
N LEU A 410 -6.78 0.59 12.13
CA LEU A 410 -7.02 1.98 12.52
C LEU A 410 -8.40 2.17 13.12
N ARG A 411 -8.52 3.18 13.98
CA ARG A 411 -9.81 3.60 14.52
C ARG A 411 -10.39 4.78 13.76
N GLY A 412 -9.61 5.39 12.89
CA GLY A 412 -10.11 6.41 11.98
C GLY A 412 -9.06 6.84 10.98
N TYR A 413 -9.49 7.31 9.83
CA TYR A 413 -8.56 7.90 8.88
C TYR A 413 -8.07 9.25 9.41
N TYR A 414 -6.99 9.74 8.80
CA TYR A 414 -6.35 10.97 9.24
C TYR A 414 -7.10 12.16 8.68
N ARG A 415 -7.58 13.03 9.58
CA ARG A 415 -8.21 14.30 9.22
C ARG A 415 -9.40 14.09 8.28
N ALA A 416 -10.22 13.07 8.57
CA ALA A 416 -11.38 12.73 7.75
C ALA A 416 -12.57 12.38 8.63
N PRO A 417 -13.03 13.33 9.45
CA PRO A 417 -14.08 12.98 10.42
C PRO A 417 -15.39 12.56 9.78
N GLU A 418 -15.80 13.20 8.68
CA GLU A 418 -17.06 12.81 8.03
C GLU A 418 -16.99 11.37 7.51
N HIS A 419 -15.91 11.03 6.82
CA HIS A 419 -15.77 9.67 6.32
C HIS A 419 -15.66 8.67 7.47
N ASN A 420 -14.98 9.04 8.55
CA ASN A 420 -14.86 8.17 9.72
C ASN A 420 -16.24 7.85 10.31
N ALA A 421 -17.13 8.85 10.35
CA ALA A 421 -18.49 8.62 10.86
C ALA A 421 -19.24 7.58 10.05
N ARG A 422 -18.97 7.49 8.75
CA ARG A 422 -19.63 6.51 7.89
C ARG A 422 -18.95 5.14 7.90
N THR A 423 -17.64 5.10 8.17
CA THR A 423 -16.81 3.95 7.85
C THR A 423 -16.51 3.07 9.06
N PHE A 424 -16.66 3.58 10.27
CA PHE A 424 -16.40 2.82 11.48
C PHE A 424 -17.68 2.75 12.30
N SER A 425 -17.98 1.55 12.80
CA SER A 425 -19.14 1.40 13.66
C SER A 425 -18.91 2.11 14.99
N ASP A 426 -19.99 2.23 15.76
CA ASP A 426 -19.91 2.96 17.02
C ASP A 426 -18.88 2.36 17.97
N ASP A 427 -18.74 1.04 17.97
CA ASP A 427 -17.78 0.38 18.87
C ASP A 427 -16.42 0.17 18.23
N GLY A 428 -16.17 0.82 17.09
CA GLY A 428 -14.84 0.90 16.53
C GLY A 428 -14.49 -0.12 15.47
N PHE A 429 -15.47 -0.83 14.91
CA PHE A 429 -15.18 -1.79 13.85
C PHE A 429 -15.03 -1.07 12.53
N TYR A 430 -13.96 -1.37 11.80
CA TYR A 430 -13.73 -0.81 10.47
C TYR A 430 -14.53 -1.62 9.45
N ARG A 431 -15.31 -0.94 8.62
CA ARG A 431 -16.11 -1.58 7.58
C ARG A 431 -15.27 -1.70 6.32
N THR A 432 -14.75 -2.90 6.05
CA THR A 432 -13.77 -3.07 4.99
C THR A 432 -14.37 -2.91 3.59
N GLY A 433 -15.66 -3.16 3.44
CA GLY A 433 -16.27 -3.18 2.13
C GLY A 433 -16.05 -4.45 1.35
N ASP A 434 -15.40 -5.44 1.93
CA ASP A 434 -15.18 -6.73 1.29
C ASP A 434 -16.28 -7.71 1.70
N LEU A 435 -16.72 -8.53 0.75
CA LEU A 435 -17.63 -9.63 1.03
C LEU A 435 -16.84 -10.92 1.20
N VAL A 436 -17.06 -11.61 2.32
CA VAL A 436 -16.29 -12.79 2.68
C VAL A 436 -17.21 -13.84 3.29
N ARG A 437 -16.71 -15.08 3.32
CA ARG A 437 -17.19 -16.16 4.17
C ARG A 437 -16.09 -16.56 5.12
N VAL A 438 -16.47 -17.05 6.29
N VAL A 438 -16.46 -17.01 6.30
CA VAL A 438 -15.53 -17.59 7.26
CA VAL A 438 -15.51 -17.60 7.24
C VAL A 438 -15.79 -19.09 7.38
C VAL A 438 -15.79 -19.08 7.32
N LEU A 439 -14.75 -19.88 7.17
CA LEU A 439 -14.85 -21.33 7.18
C LEU A 439 -14.72 -21.85 8.60
N PRO A 440 -15.08 -23.12 8.83
CA PRO A 440 -14.96 -23.67 10.18
C PRO A 440 -13.56 -23.56 10.77
N SER A 441 -12.49 -23.62 9.96
CA SER A 441 -11.13 -23.47 10.48
C SER A 441 -10.77 -22.03 10.82
N GLY A 442 -11.61 -21.06 10.46
CA GLY A 442 -11.27 -19.67 10.63
C GLY A 442 -10.69 -19.00 9.42
N HIS A 443 -10.32 -19.76 8.39
CA HIS A 443 -9.87 -19.21 7.12
C HIS A 443 -11.01 -18.49 6.41
N LEU A 444 -10.67 -17.39 5.74
CA LEU A 444 -11.60 -16.58 4.97
C LEU A 444 -11.53 -16.93 3.50
N VAL A 445 -12.69 -16.83 2.84
CA VAL A 445 -12.79 -16.86 1.38
C VAL A 445 -13.36 -15.54 0.93
N VAL A 446 -12.63 -14.82 0.08
CA VAL A 446 -13.09 -13.54 -0.43
C VAL A 446 -14.10 -13.81 -1.53
N GLU A 447 -15.31 -13.26 -1.38
CA GLU A 447 -16.42 -13.54 -2.29
C GLU A 447 -16.77 -12.39 -3.20
N GLY A 448 -16.40 -11.16 -2.85
CA GLY A 448 -16.72 -10.02 -3.70
C GLY A 448 -16.44 -8.73 -2.97
N ARG A 449 -17.17 -7.69 -3.34
CA ARG A 449 -17.02 -6.40 -2.70
C ARG A 449 -18.37 -5.70 -2.59
N ALA A 450 -18.55 -4.98 -1.48
CA ALA A 450 -19.68 -4.08 -1.30
C ALA A 450 -19.35 -2.63 -1.62
N LYS A 451 -18.10 -2.23 -1.41
CA LYS A 451 -17.67 -0.86 -1.61
C LYS A 451 -17.59 -0.49 -3.09
N ASP A 452 -17.78 0.81 -3.36
CA ASP A 452 -17.75 1.38 -4.71
C ASP A 452 -16.31 1.74 -5.08
N GLN A 453 -15.52 0.69 -5.31
CA GLN A 453 -14.09 0.83 -5.55
C GLN A 453 -13.62 -0.32 -6.40
N ILE A 454 -13.02 -0.03 -7.54
CA ILE A 454 -12.62 -1.05 -8.50
C ILE A 454 -11.22 -1.53 -8.17
N ASN A 455 -11.02 -2.84 -8.24
CA ASN A 455 -9.73 -3.47 -7.92
C ASN A 455 -9.13 -3.94 -9.24
N ARG A 456 -8.29 -3.08 -9.82
CA ARG A 456 -7.73 -3.28 -11.15
C ARG A 456 -6.31 -3.83 -10.99
N GLY A 457 -6.19 -5.15 -11.01
CA GLY A 457 -4.90 -5.80 -10.88
C GLY A 457 -4.21 -5.52 -9.58
N GLY A 458 -4.96 -5.27 -8.50
CA GLY A 458 -4.40 -4.87 -7.24
C GLY A 458 -4.53 -3.40 -6.94
N ASP A 459 -4.65 -2.57 -7.98
CA ASP A 459 -4.75 -1.13 -7.82
C ASP A 459 -6.20 -0.73 -7.53
N LYS A 460 -6.38 0.05 -6.47
CA LYS A 460 -7.71 0.39 -5.98
C LYS A 460 -8.13 1.73 -6.55
N ILE A 461 -9.31 1.76 -7.18
CA ILE A 461 -9.83 2.94 -7.85
C ILE A 461 -11.12 3.35 -7.16
N SER A 462 -11.09 4.45 -6.42
CA SER A 462 -12.31 5.03 -5.87
C SER A 462 -13.20 5.52 -7.01
N ALA A 463 -14.40 4.95 -7.14
CA ALA A 463 -15.26 5.33 -8.24
C ALA A 463 -15.66 6.80 -8.14
N GLU A 464 -16.01 7.26 -6.94
CA GLU A 464 -16.45 8.64 -6.76
C GLU A 464 -15.36 9.63 -7.15
N GLU A 465 -14.11 9.36 -6.77
CA GLU A 465 -13.01 10.26 -7.11
C GLU A 465 -12.83 10.34 -8.61
N LEU A 466 -12.81 9.19 -9.28
CA LEU A 466 -12.63 9.18 -10.72
C LEU A 466 -13.81 9.83 -11.42
N GLU A 467 -15.02 9.60 -10.92
CA GLU A 467 -16.21 10.21 -11.52
C GLU A 467 -16.15 11.73 -11.47
N ASN A 468 -15.67 12.27 -10.35
CA ASN A 468 -15.57 13.72 -10.24
C ASN A 468 -14.56 14.28 -11.23
N HIS A 469 -13.42 13.61 -11.40
CA HIS A 469 -12.46 14.00 -12.42
C HIS A 469 -13.08 14.00 -13.81
N ILE A 470 -13.79 12.92 -14.15
CA ILE A 470 -14.36 12.78 -15.49
C ILE A 470 -15.43 13.84 -15.74
N MET A 471 -16.24 14.14 -14.72
CA MET A 471 -17.28 15.14 -14.91
C MET A 471 -16.72 16.55 -15.10
N ALA A 472 -15.45 16.78 -14.77
CA ALA A 472 -14.81 18.05 -15.08
C ALA A 472 -14.56 18.22 -16.57
N HIS A 473 -14.62 17.14 -17.35
CA HIS A 473 -14.47 17.25 -18.80
C HIS A 473 -15.66 18.01 -19.40
N PRO A 474 -15.43 18.97 -20.29
CA PRO A 474 -16.54 19.81 -20.78
C PRO A 474 -17.59 19.07 -21.59
N GLY A 475 -17.32 17.87 -22.06
CA GLY A 475 -18.33 17.11 -22.76
C GLY A 475 -19.14 16.17 -21.89
N VAL A 476 -18.92 16.19 -20.58
CA VAL A 476 -19.54 15.24 -19.66
C VAL A 476 -20.42 16.01 -18.68
N HIS A 477 -21.66 15.55 -18.52
CA HIS A 477 -22.58 16.02 -17.51
C HIS A 477 -22.57 15.13 -16.27
N ASP A 478 -22.68 13.82 -16.45
CA ASP A 478 -22.66 12.88 -15.35
C ASP A 478 -21.77 11.70 -15.72
N ALA A 479 -21.18 11.08 -14.70
CA ALA A 479 -20.30 9.93 -14.92
C ALA A 479 -20.58 8.88 -13.86
N ALA A 480 -20.55 7.61 -14.27
CA ALA A 480 -20.68 6.48 -13.36
C ALA A 480 -19.62 5.45 -13.73
N VAL A 481 -18.66 5.23 -12.84
CA VAL A 481 -17.57 4.28 -13.09
C VAL A 481 -17.99 2.90 -12.56
N VAL A 482 -17.91 1.90 -13.42
CA VAL A 482 -18.34 0.53 -13.12
C VAL A 482 -17.19 -0.42 -13.40
N GLY A 483 -16.99 -1.40 -12.52
CA GLY A 483 -16.04 -2.46 -12.81
C GLY A 483 -16.61 -3.51 -13.74
N MET A 484 -15.75 -4.07 -14.57
CA MET A 484 -16.07 -5.20 -15.42
C MET A 484 -15.09 -6.32 -15.14
N PRO A 485 -15.56 -7.55 -15.02
CA PRO A 485 -14.65 -8.68 -14.75
C PRO A 485 -13.58 -8.82 -15.84
N ASP A 486 -12.38 -9.20 -15.42
CA ASP A 486 -11.29 -9.50 -16.34
C ASP A 486 -10.53 -10.71 -15.82
N ALA A 487 -10.21 -11.63 -16.73
CA ALA A 487 -9.66 -12.92 -16.32
C ALA A 487 -8.27 -12.79 -15.72
N THR A 488 -7.48 -11.81 -16.15
CA THR A 488 -6.12 -11.67 -15.63
C THR A 488 -5.91 -10.40 -14.82
N MET A 489 -6.74 -9.38 -15.03
CA MET A 489 -6.69 -8.15 -14.27
C MET A 489 -7.64 -8.16 -13.06
N GLY A 490 -8.55 -9.12 -13.01
CA GLY A 490 -9.58 -9.11 -11.98
C GLY A 490 -10.74 -8.22 -12.34
N GLU A 491 -10.48 -6.92 -12.44
CA GLU A 491 -11.47 -5.96 -12.89
C GLU A 491 -10.82 -4.94 -13.79
N ARG A 492 -11.57 -4.50 -14.79
CA ARG A 492 -11.25 -3.31 -15.56
C ARG A 492 -12.30 -2.23 -15.29
N THR A 493 -12.00 -1.02 -15.76
CA THR A 493 -12.77 0.17 -15.44
C THR A 493 -13.56 0.64 -16.67
N CYS A 494 -14.87 0.76 -16.51
CA CYS A 494 -15.71 1.32 -17.55
C CYS A 494 -16.32 2.60 -17.04
N ALA A 495 -16.15 3.69 -17.80
CA ALA A 495 -16.73 4.97 -17.45
C ALA A 495 -18.00 5.15 -18.26
N CYS A 496 -19.15 5.11 -17.59
CA CYS A 496 -20.43 5.38 -18.23
C CYS A 496 -20.73 6.87 -18.18
N LEU A 497 -21.01 7.45 -19.33
CA LEU A 497 -21.06 8.91 -19.48
C LEU A 497 -22.40 9.37 -20.01
N VAL A 498 -23.00 10.35 -19.35
CA VAL A 498 -24.10 11.13 -19.90
C VAL A 498 -23.49 12.41 -20.47
N PRO A 499 -23.64 12.68 -21.76
CA PRO A 499 -22.99 13.87 -22.33
C PRO A 499 -23.59 15.15 -21.78
N ARG A 500 -22.76 16.17 -21.71
CA ARG A 500 -23.26 17.50 -21.40
C ARG A 500 -24.26 17.92 -22.48
N ALA A 501 -25.29 18.66 -22.06
CA ALA A 501 -26.36 19.08 -22.93
C ALA A 501 -25.83 19.68 -24.23
N GLY A 502 -26.24 19.09 -25.36
CA GLY A 502 -25.84 19.59 -26.65
C GLY A 502 -24.37 19.43 -26.98
N ARG A 503 -23.66 18.58 -26.24
CA ARG A 503 -22.23 18.35 -26.41
C ARG A 503 -21.99 16.88 -26.69
N SER A 504 -20.88 16.61 -27.36
CA SER A 504 -20.42 15.25 -27.59
C SER A 504 -19.51 14.84 -26.44
N ALA A 505 -19.73 13.64 -25.93
CA ALA A 505 -18.84 13.15 -24.88
C ALA A 505 -17.54 12.63 -25.49
N PRO A 506 -16.44 12.67 -24.73
CA PRO A 506 -15.17 12.16 -25.26
C PRO A 506 -15.16 10.64 -25.40
N ALA A 507 -14.31 10.15 -26.31
CA ALA A 507 -14.01 8.73 -26.39
C ALA A 507 -12.88 8.38 -25.42
N GLN A 508 -12.47 7.11 -25.41
CA GLN A 508 -11.53 6.64 -24.39
C GLN A 508 -10.20 7.38 -24.45
N ARG A 509 -9.65 7.59 -25.64
CA ARG A 509 -8.31 8.16 -25.73
C ARG A 509 -8.31 9.63 -25.34
N GLU A 510 -9.29 10.42 -25.80
CA GLU A 510 -9.35 11.82 -25.36
C GLU A 510 -9.55 11.91 -23.84
N LEU A 511 -10.42 11.07 -23.28
CA LEU A 511 -10.65 11.12 -21.84
C LEU A 511 -9.38 10.76 -21.09
N ALA A 512 -8.65 9.75 -21.55
CA ALA A 512 -7.38 9.38 -20.93
C ALA A 512 -6.41 10.56 -20.96
N ALA A 513 -6.34 11.27 -22.08
CA ALA A 513 -5.42 12.41 -22.18
C ALA A 513 -5.85 13.53 -21.25
N PHE A 514 -7.16 13.78 -21.18
CA PHE A 514 -7.69 14.80 -20.26
C PHE A 514 -7.36 14.48 -18.82
N LEU A 515 -7.57 13.22 -18.42
CA LEU A 515 -7.31 12.80 -17.05
C LEU A 515 -5.81 12.84 -16.72
N THR A 516 -4.97 12.39 -17.65
CA THR A 516 -3.53 12.46 -17.41
C THR A 516 -3.07 13.91 -17.24
N ASP A 517 -3.55 14.82 -18.09
CA ASP A 517 -3.19 16.23 -17.95
C ASP A 517 -3.69 16.80 -16.64
N ARG A 518 -4.83 16.31 -16.16
CA ARG A 518 -5.38 16.74 -14.87
C ARG A 518 -4.59 16.22 -13.68
N GLY A 519 -3.70 15.26 -13.89
CA GLY A 519 -2.89 14.72 -12.82
C GLY A 519 -3.43 13.47 -12.19
N VAL A 520 -4.16 12.66 -12.93
CA VAL A 520 -4.75 11.44 -12.41
C VAL A 520 -3.79 10.29 -12.70
N ALA A 521 -3.53 9.47 -11.69
CA ALA A 521 -2.65 8.32 -11.84
C ALA A 521 -3.12 7.42 -12.97
N ALA A 522 -2.16 6.83 -13.70
CA ALA A 522 -2.51 6.13 -14.93
C ALA A 522 -3.33 4.87 -14.68
N TYR A 523 -3.25 4.26 -13.51
CA TYR A 523 -4.04 3.05 -13.31
C TYR A 523 -5.53 3.35 -13.13
N LYS A 524 -5.89 4.62 -12.97
CA LYS A 524 -7.28 5.04 -12.85
C LYS A 524 -7.89 5.45 -14.18
N LEU A 525 -7.13 5.41 -15.29
CA LEU A 525 -7.68 5.77 -16.59
C LEU A 525 -8.66 4.72 -17.08
N PRO A 526 -9.89 5.09 -17.42
CA PRO A 526 -10.90 4.08 -17.79
C PRO A 526 -10.48 3.25 -18.98
N ASP A 527 -10.70 1.94 -18.85
CA ASP A 527 -10.43 1.01 -19.95
C ASP A 527 -11.42 1.18 -21.10
N ARG A 528 -12.64 1.57 -20.80
CA ARG A 528 -13.73 1.59 -21.76
C ARG A 528 -14.65 2.75 -21.43
N VAL A 529 -15.26 3.33 -22.46
CA VAL A 529 -16.24 4.41 -22.33
C VAL A 529 -17.55 3.97 -22.96
N GLU A 530 -18.66 4.14 -22.21
CA GLU A 530 -20.00 3.87 -22.72
C GLU A 530 -20.87 5.09 -22.50
N VAL A 531 -21.45 5.61 -23.58
CA VAL A 531 -22.27 6.83 -23.55
C VAL A 531 -23.73 6.44 -23.50
N MET A 532 -24.50 7.18 -22.71
CA MET A 532 -25.90 6.85 -22.45
C MET A 532 -26.63 8.10 -21.96
N ASP A 533 -27.94 8.15 -22.21
CA ASP A 533 -28.68 9.37 -21.92
C ASP A 533 -29.04 9.48 -20.44
N ALA A 534 -28.99 8.37 -19.70
CA ALA A 534 -29.31 8.40 -18.29
C ALA A 534 -28.79 7.14 -17.63
N PHE A 535 -28.66 7.21 -16.31
CA PHE A 535 -28.23 6.09 -15.47
C PHE A 535 -29.42 5.46 -14.78
N PRO A 536 -29.41 4.13 -14.66
CA PRO A 536 -30.44 3.46 -13.85
C PRO A 536 -30.26 3.84 -12.40
N ARG A 537 -31.38 4.03 -11.71
CA ARG A 537 -31.36 4.40 -10.31
C ARG A 537 -32.23 3.44 -9.50
N THR A 538 -31.83 3.21 -8.26
CA THR A 538 -32.67 2.53 -7.30
C THR A 538 -33.87 3.41 -6.96
N SER A 539 -34.65 3.02 -5.98
CA SER A 539 -35.78 3.83 -5.52
C SER A 539 -35.39 4.62 -4.28
N VAL A 540 -34.31 5.40 -4.43
CA VAL A 540 -33.79 6.25 -3.37
C VAL A 540 -33.57 7.69 -3.83
N GLY A 541 -32.92 7.93 -4.98
CA GLY A 541 -32.43 6.95 -5.93
C GLY A 541 -30.99 7.16 -6.37
N LYS A 542 -30.11 6.39 -5.76
CA LYS A 542 -28.72 6.40 -6.17
C LYS A 542 -28.57 5.62 -7.48
N THR A 543 -27.49 5.90 -8.20
CA THR A 543 -27.22 5.21 -9.46
C THR A 543 -27.01 3.72 -9.18
N ASP A 544 -27.72 2.89 -9.95
CA ASP A 544 -27.68 1.45 -9.72
C ASP A 544 -26.54 0.87 -10.55
N LYS A 545 -25.40 0.65 -9.90
CA LYS A 545 -24.24 0.12 -10.63
C LYS A 545 -24.35 -1.38 -10.88
N LYS A 546 -25.19 -2.07 -10.10
CA LYS A 546 -25.50 -3.45 -10.44
C LYS A 546 -26.16 -3.53 -11.80
N GLU A 547 -27.10 -2.62 -12.07
CA GLU A 547 -27.79 -2.63 -13.35
C GLU A 547 -26.95 -2.01 -14.46
N LEU A 548 -26.09 -1.04 -14.14
CA LEU A 548 -25.17 -0.52 -15.13
C LEU A 548 -24.25 -1.61 -15.67
N GLY A 549 -23.74 -2.48 -14.79
CA GLY A 549 -22.94 -3.60 -15.25
C GLY A 549 -23.67 -4.47 -16.26
N ARG A 550 -24.97 -4.65 -16.08
CA ARG A 550 -25.78 -5.42 -17.03
C ARG A 550 -25.96 -4.67 -18.34
N ARG A 551 -26.24 -3.37 -18.26
CA ARG A 551 -26.43 -2.58 -19.48
C ARG A 551 -25.14 -2.49 -20.29
N ILE A 552 -24.00 -2.41 -19.60
CA ILE A 552 -22.68 -2.53 -20.25
C ILE A 552 -22.61 -3.82 -21.06
N ALA A 553 -23.06 -4.92 -20.48
CA ALA A 553 -22.92 -6.23 -21.11
C ALA A 553 -24.04 -6.55 -22.09
N GLY A 554 -25.10 -5.76 -22.14
CA GLY A 554 -26.24 -6.05 -22.99
C GLY A 554 -27.19 -7.06 -22.38
C1' SAL B . -3.14 -4.25 0.04
O1' SAL B . -3.20 -3.08 0.49
O2' SAL B . -3.70 -4.52 -1.04
C1 SAL B . -2.41 -5.33 0.82
C2 SAL B . -1.78 -5.04 2.02
C3 SAL B . -1.11 -6.01 2.73
C4 SAL B . -1.07 -7.31 2.23
C5 SAL B . -1.70 -7.62 1.03
C6 SAL B . -2.37 -6.63 0.33
O2 SAL B . -1.82 -3.72 2.51
P AMP C . -6.65 -0.79 0.48
O1P AMP C . -8.15 -0.66 0.66
O2P AMP C . -5.81 -0.62 1.73
O3P AMP C . -6.10 -0.08 -0.74
O5' AMP C . -6.44 -2.33 0.11
C5' AMP C . -7.11 -3.34 0.84
C4' AMP C . -8.09 -4.08 -0.01
O4' AMP C . -7.38 -4.88 -0.98
C3' AMP C . -8.94 -5.10 0.72
O3' AMP C . -10.01 -4.51 1.45
C2' AMP C . -9.39 -6.01 -0.42
O2' AMP C . -10.46 -5.41 -1.13
C1' AMP C . -8.14 -6.01 -1.31
N9 AMP C . -7.30 -7.21 -1.13
C8 AMP C . -6.04 -7.27 -0.61
N7 AMP C . -5.55 -8.53 -0.61
C5 AMP C . -6.51 -9.34 -1.17
C6 AMP C . -6.69 -10.78 -1.48
N6 AMP C . -5.76 -11.74 -1.23
N1 AMP C . -7.86 -11.15 -2.04
C2 AMP C . -8.84 -10.27 -2.30
N3 AMP C . -8.76 -8.96 -2.05
C4 AMP C . -7.65 -8.45 -1.49
C1 GOL D . -0.40 -25.25 -3.44
O1 GOL D . 0.05 -26.57 -3.63
C2 GOL D . 0.60 -24.26 -4.02
O2 GOL D . 0.80 -24.55 -5.38
C3 GOL D . 1.95 -24.30 -3.29
O3 GOL D . 1.83 -23.85 -1.95
C1 GOL E . 1.27 3.82 -0.19
O1 GOL E . 0.88 4.59 0.92
C2 GOL E . 0.38 2.57 -0.35
O2 GOL E . -0.88 2.94 -0.85
C3 GOL E . 0.26 1.83 0.97
O3 GOL E . -0.11 0.48 0.75
C ACT F . 11.84 -17.63 3.71
O ACT F . 11.72 -18.74 3.15
OXT ACT F . 12.98 -17.13 3.73
CH3 ACT F . 10.65 -16.94 4.32
#